data_1ZOG
#
_entry.id   1ZOG
#
_cell.length_a   141.050
_cell.length_b   58.810
_cell.length_c   45.750
_cell.angle_alpha   90.00
_cell.angle_beta   103.30
_cell.angle_gamma   90.00
#
_symmetry.space_group_name_H-M   'C 1 2 1'
#
loop_
_entity.id
_entity.type
_entity.pdbx_description
1 polymer 'PROTEIN KINASE CK2, alpha SUBUNIT'
2 non-polymer 4,5,6,7-TETRABROMO-2-(METHYLSULFANYL)-1H-BENZIMIDAZOLE
3 water water
#
_entity_poly.entity_id   1
_entity_poly.type   'polypeptide(L)'
_entity_poly.pdbx_seq_one_letter_code
;MSKARVYADVNVLRPKEYWDYEALTVQWGEQDDYEVVRKVGRGKYSEVFEGINVNNNEKCIIKILKPVKKKKIKREIKIL
QNLCGGPNIVKLLDIVRDQHSKTPSLIFEYVNNTDFKVLYPTLTDYDIRYYIYELLKALDYCHSQGIMHRDVKPHNVMID
HELRKLRLIDWGLAEFYHPGKEYNVRVASRYFKGPELLVDLQDYDYSLDMWSLGCMFAGMIFRKEPFFYGHDNHDQLVKI
AKVLGTDGLNVYLNKYRIELDPQLEALVGRHSRKPWLKFMNADNQHLVSPEAIDFLDKLLRYDHQERLTALEAMTHPYFQ
QVRAAENSRTRA
;
_entity_poly.pdbx_strand_id   A
#
loop_
_chem_comp.id
_chem_comp.type
_chem_comp.name
_chem_comp.formula
K37 non-polymer 4,5,6,7-TETRABROMO-2-(METHYLSULFANYL)-1H-BENZIMIDAZOLE 'C8 H4 Br4 N2 S'
#
# COMPACT_ATOMS: atom_id res chain seq x y z
N SER A 2 -14.72 15.53 -1.69
CA SER A 2 -14.49 14.27 -2.43
C SER A 2 -15.01 13.08 -1.63
N LYS A 3 -15.46 12.07 -2.35
CA LYS A 3 -15.97 10.85 -1.75
C LYS A 3 -15.52 9.71 -2.65
N ALA A 4 -15.26 8.56 -2.06
CA ALA A 4 -14.83 7.43 -2.86
C ALA A 4 -15.95 7.08 -3.84
N ARG A 5 -15.59 6.75 -5.07
CA ARG A 5 -16.56 6.37 -6.08
C ARG A 5 -17.12 4.98 -5.80
N VAL A 6 -16.48 4.23 -4.90
CA VAL A 6 -16.94 2.90 -4.55
C VAL A 6 -16.73 2.62 -3.07
N TYR A 7 -17.45 1.62 -2.58
CA TYR A 7 -17.40 1.20 -1.18
C TYR A 7 -17.48 2.37 -0.20
N ALA A 8 -18.07 3.48 -0.62
CA ALA A 8 -18.17 4.66 0.24
C ALA A 8 -19.02 4.49 1.51
N ASP A 9 -20.07 3.67 1.45
CA ASP A 9 -20.92 3.49 2.62
C ASP A 9 -20.65 2.23 3.46
N VAL A 10 -19.55 1.54 3.20
CA VAL A 10 -19.23 0.33 3.96
C VAL A 10 -19.35 0.52 5.46
N ASN A 11 -18.62 1.49 5.99
CA ASN A 11 -18.63 1.74 7.42
C ASN A 11 -19.92 2.33 7.96
N VAL A 12 -20.56 3.20 7.17
CA VAL A 12 -21.79 3.82 7.61
C VAL A 12 -22.94 2.82 7.78
N LEU A 13 -22.86 1.69 7.08
CA LEU A 13 -23.91 0.66 7.18
C LEU A 13 -23.52 -0.46 8.12
N ARG A 14 -22.27 -0.45 8.58
CA ARG A 14 -21.83 -1.51 9.47
C ARG A 14 -21.92 -1.07 10.92
N PRO A 15 -22.05 -2.05 11.84
CA PRO A 15 -22.14 -1.75 13.27
C PRO A 15 -20.92 -0.93 13.71
N LYS A 16 -21.15 0.07 14.55
CA LYS A 16 -20.05 0.93 14.99
C LYS A 16 -18.84 0.18 15.53
N GLU A 17 -19.07 -0.98 16.16
CA GLU A 17 -17.94 -1.72 16.71
C GLU A 17 -17.03 -2.26 15.61
N TYR A 18 -17.45 -2.09 14.37
CA TYR A 18 -16.64 -2.55 13.23
C TYR A 18 -15.51 -1.56 13.02
N TRP A 19 -15.84 -0.27 13.00
CA TRP A 19 -14.84 0.77 12.77
C TRP A 19 -14.37 1.54 14.00
N ASP A 20 -15.14 1.47 15.08
CA ASP A 20 -14.75 2.17 16.29
C ASP A 20 -13.62 1.37 16.93
N TYR A 21 -12.41 1.58 16.42
CA TYR A 21 -11.23 0.87 16.92
C TYR A 21 -10.77 1.31 18.30
N GLU A 22 -11.03 2.56 18.68
CA GLU A 22 -10.63 3.05 20.00
C GLU A 22 -11.37 2.26 21.07
N ALA A 23 -12.51 1.69 20.68
CA ALA A 23 -13.34 0.91 21.59
C ALA A 23 -13.02 -0.58 21.49
N LEU A 24 -11.75 -0.89 21.22
CA LEU A 24 -11.33 -2.28 21.14
C LEU A 24 -10.60 -2.64 22.43
N THR A 25 -10.90 -3.82 22.95
CA THR A 25 -10.27 -4.31 24.16
C THR A 25 -9.48 -5.54 23.77
N VAL A 26 -8.19 -5.31 23.52
CA VAL A 26 -7.27 -6.36 23.10
C VAL A 26 -7.29 -7.61 23.94
N GLN A 27 -7.26 -8.76 23.28
CA GLN A 27 -7.21 -10.04 23.96
C GLN A 27 -5.77 -10.55 23.86
N TRP A 28 -4.96 -10.16 24.82
CA TRP A 28 -3.56 -10.56 24.81
C TRP A 28 -3.38 -12.05 25.00
N GLY A 29 -2.45 -12.63 24.25
CA GLY A 29 -2.18 -14.05 24.35
C GLY A 29 -0.97 -14.28 25.21
N GLU A 30 -0.27 -15.39 24.97
CA GLU A 30 0.93 -15.69 25.73
C GLU A 30 2.20 -15.28 25.00
N GLN A 31 2.89 -14.29 25.55
CA GLN A 31 4.14 -13.79 25.00
C GLN A 31 5.15 -14.93 24.86
N ASP A 32 4.78 -16.09 25.41
CA ASP A 32 5.65 -17.26 25.40
C ASP A 32 5.53 -18.15 24.17
N ASP A 33 4.31 -18.46 23.77
CA ASP A 33 4.10 -19.34 22.63
C ASP A 33 4.97 -19.00 21.42
N TYR A 34 5.58 -17.82 21.40
CA TYR A 34 6.37 -17.42 20.24
C TYR A 34 7.81 -17.04 20.53
N GLU A 35 8.73 -17.74 19.88
CA GLU A 35 10.14 -17.47 20.08
C GLU A 35 10.82 -16.88 18.88
N VAL A 36 11.51 -15.76 19.11
CA VAL A 36 12.25 -15.09 18.04
C VAL A 36 13.36 -16.00 17.56
N VAL A 37 13.48 -16.15 16.25
CA VAL A 37 14.55 -16.98 15.72
C VAL A 37 15.64 -16.14 15.03
N ARG A 38 15.25 -15.07 14.36
CA ARG A 38 16.22 -14.23 13.67
C ARG A 38 15.57 -12.95 13.14
N LYS A 39 16.20 -11.80 13.38
CA LYS A 39 15.64 -10.55 12.88
C LYS A 39 15.66 -10.61 11.37
N VAL A 40 14.50 -10.40 10.76
CA VAL A 40 14.36 -10.43 9.31
C VAL A 40 13.86 -9.11 8.75
N GLY A 41 13.75 -8.10 9.59
CA GLY A 41 13.28 -6.81 9.11
C GLY A 41 13.12 -5.79 10.19
N ARG A 42 12.85 -4.55 9.80
CA ARG A 42 12.69 -3.50 10.79
C ARG A 42 12.34 -2.11 10.25
N GLY A 43 11.17 -1.62 10.67
CA GLY A 43 10.75 -0.29 10.29
C GLY A 43 11.03 0.59 11.50
N LYS A 44 10.69 1.88 11.42
CA LYS A 44 10.93 2.74 12.57
C LYS A 44 9.81 2.61 13.58
N TYR A 45 8.82 1.79 13.24
CA TYR A 45 7.70 1.56 14.14
C TYR A 45 7.70 0.14 14.68
N SER A 46 8.74 -0.62 14.36
CA SER A 46 8.80 -2.00 14.83
C SER A 46 10.02 -2.72 14.31
N GLU A 47 10.37 -3.80 15.01
CA GLU A 47 11.47 -4.67 14.60
C GLU A 47 10.75 -5.95 14.24
N VAL A 48 11.20 -6.62 13.19
CA VAL A 48 10.53 -7.85 12.78
C VAL A 48 11.47 -9.03 12.78
N PHE A 49 10.99 -10.14 13.35
CA PHE A 49 11.79 -11.36 13.42
C PHE A 49 11.01 -12.59 13.00
N GLU A 50 11.69 -13.53 12.37
CA GLU A 50 11.06 -14.77 12.01
C GLU A 50 10.91 -15.38 13.39
N GLY A 51 9.93 -16.25 13.59
CA GLY A 51 9.79 -16.83 14.90
C GLY A 51 9.21 -18.20 14.80
N ILE A 52 9.14 -18.88 15.93
CA ILE A 52 8.59 -20.22 15.96
C ILE A 52 7.47 -20.20 16.94
N ASN A 53 6.44 -20.99 16.67
CA ASN A 53 5.31 -21.09 17.58
C ASN A 53 5.77 -22.27 18.41
N VAL A 54 6.15 -21.99 19.64
CA VAL A 54 6.63 -23.02 20.55
C VAL A 54 5.71 -24.24 20.61
N ASN A 55 4.41 -23.98 20.53
CA ASN A 55 3.40 -25.05 20.59
C ASN A 55 3.40 -26.04 19.43
N ASN A 56 3.12 -25.55 18.23
CA ASN A 56 3.04 -26.38 17.04
C ASN A 56 4.29 -26.41 16.17
N ASN A 57 5.29 -25.63 16.55
CA ASN A 57 6.55 -25.55 15.80
C ASN A 57 6.44 -24.88 14.44
N GLU A 58 5.24 -24.42 14.09
CA GLU A 58 5.02 -23.73 12.82
C GLU A 58 5.76 -22.40 12.86
N LYS A 59 6.32 -21.98 11.73
CA LYS A 59 7.01 -20.71 11.68
C LYS A 59 5.97 -19.63 11.83
N CYS A 60 6.43 -18.44 12.19
CA CYS A 60 5.54 -17.30 12.36
C CYS A 60 6.41 -16.06 12.26
N ILE A 61 5.75 -14.90 12.18
CA ILE A 61 6.46 -13.64 12.10
C ILE A 61 6.06 -12.85 13.33
N ILE A 62 7.07 -12.44 14.09
CA ILE A 62 6.87 -11.68 15.30
C ILE A 62 7.24 -10.25 15.02
N LYS A 63 6.27 -9.37 15.17
CA LYS A 63 6.47 -7.96 14.92
C LYS A 63 6.42 -7.26 16.27
N ILE A 64 7.59 -6.88 16.77
CA ILE A 64 7.67 -6.20 18.07
C ILE A 64 7.55 -4.71 17.80
N LEU A 65 6.52 -4.10 18.37
CA LEU A 65 6.24 -2.67 18.17
C LEU A 65 7.03 -1.75 19.08
N LYS A 66 7.69 -0.76 18.49
CA LYS A 66 8.43 0.23 19.26
C LYS A 66 7.33 1.10 19.86
N PRO A 67 7.48 1.52 21.13
CA PRO A 67 6.50 2.35 21.85
C PRO A 67 5.47 3.06 20.98
N VAL A 68 4.27 2.47 20.97
CA VAL A 68 3.13 2.97 20.19
C VAL A 68 1.98 3.42 21.09
N LYS A 69 1.32 4.51 20.69
CA LYS A 69 0.19 5.02 21.46
C LYS A 69 -0.94 4.01 21.35
N LYS A 70 -1.36 3.51 22.50
CA LYS A 70 -2.44 2.52 22.58
C LYS A 70 -3.56 2.72 21.56
N LYS A 71 -3.82 3.97 21.16
CA LYS A 71 -4.88 4.25 20.19
C LYS A 71 -4.52 3.78 18.77
N LYS A 72 -3.25 3.93 18.40
CA LYS A 72 -2.78 3.54 17.09
C LYS A 72 -2.71 2.02 16.98
N ILE A 73 -2.31 1.36 18.07
CA ILE A 73 -2.22 -0.09 18.06
C ILE A 73 -3.61 -0.67 17.86
N LYS A 74 -4.60 -0.08 18.51
CA LYS A 74 -5.98 -0.57 18.38
C LYS A 74 -6.42 -0.42 16.93
N ARG A 75 -5.91 0.61 16.27
CA ARG A 75 -6.27 0.83 14.88
C ARG A 75 -5.71 -0.32 14.05
N GLU A 76 -4.40 -0.49 14.09
CA GLU A 76 -3.75 -1.53 13.31
C GLU A 76 -4.34 -2.89 13.61
N ILE A 77 -4.58 -3.15 14.89
CA ILE A 77 -5.15 -4.42 15.33
C ILE A 77 -6.58 -4.66 14.83
N LYS A 78 -7.43 -3.66 15.02
CA LYS A 78 -8.80 -3.78 14.60
C LYS A 78 -8.87 -3.97 13.09
N ILE A 79 -8.02 -3.26 12.37
CA ILE A 79 -7.99 -3.38 10.93
C ILE A 79 -7.52 -4.77 10.53
N LEU A 80 -6.46 -5.26 11.19
CA LEU A 80 -5.97 -6.59 10.89
C LEU A 80 -7.07 -7.60 11.16
N GLN A 81 -7.85 -7.40 12.21
CA GLN A 81 -8.92 -8.33 12.57
C GLN A 81 -10.08 -8.33 11.59
N ASN A 82 -10.42 -7.17 11.03
CA ASN A 82 -11.52 -7.09 10.08
C ASN A 82 -11.14 -7.73 8.75
N LEU A 83 -9.87 -7.60 8.39
CA LEU A 83 -9.39 -8.14 7.13
C LEU A 83 -8.82 -9.55 7.18
N CYS A 84 -8.74 -10.12 8.38
CA CYS A 84 -8.19 -11.46 8.55
C CYS A 84 -9.06 -12.52 7.91
N GLY A 85 -8.56 -13.11 6.83
CA GLY A 85 -9.29 -14.13 6.10
C GLY A 85 -9.43 -13.69 4.66
N GLY A 86 -9.46 -12.38 4.45
CA GLY A 86 -9.58 -11.83 3.11
C GLY A 86 -8.41 -12.20 2.22
N PRO A 87 -8.60 -12.18 0.89
CA PRO A 87 -7.55 -12.52 -0.05
C PRO A 87 -6.25 -11.78 0.16
N ASN A 88 -5.17 -12.54 0.21
CA ASN A 88 -3.84 -12.02 0.37
C ASN A 88 -3.63 -10.94 1.43
N ILE A 89 -4.39 -11.00 2.51
CA ILE A 89 -4.20 -10.04 3.58
C ILE A 89 -3.37 -10.80 4.60
N VAL A 90 -2.31 -10.17 5.09
CA VAL A 90 -1.44 -10.82 6.08
C VAL A 90 -2.31 -11.29 7.24
N LYS A 91 -2.24 -12.57 7.55
CA LYS A 91 -3.03 -13.11 8.66
C LYS A 91 -2.41 -12.82 10.01
N LEU A 92 -3.19 -12.17 10.89
CA LEU A 92 -2.75 -11.87 12.25
C LEU A 92 -3.17 -13.06 13.10
N LEU A 93 -2.20 -13.79 13.65
CA LEU A 93 -2.50 -14.96 14.45
C LEU A 93 -2.63 -14.74 15.94
N ASP A 94 -2.09 -13.66 16.46
CA ASP A 94 -2.12 -13.45 17.91
C ASP A 94 -1.47 -12.11 18.29
N ILE A 95 -1.95 -11.53 19.37
CA ILE A 95 -1.40 -10.28 19.89
C ILE A 95 -0.89 -10.65 21.29
N VAL A 96 0.33 -10.26 21.61
CA VAL A 96 0.92 -10.55 22.92
C VAL A 96 1.69 -9.34 23.43
N ARG A 97 2.18 -9.42 24.66
CA ARG A 97 2.88 -8.30 25.25
C ARG A 97 3.93 -8.75 26.27
N ASP A 98 5.02 -8.02 26.31
CA ASP A 98 6.08 -8.31 27.26
C ASP A 98 5.50 -8.01 28.65
N GLN A 99 5.39 -9.04 29.48
CA GLN A 99 4.85 -8.92 30.84
C GLN A 99 5.48 -7.76 31.60
N HIS A 100 6.80 -7.78 31.68
CA HIS A 100 7.57 -6.78 32.39
C HIS A 100 7.40 -5.32 31.96
N SER A 101 7.23 -5.06 30.67
CA SER A 101 7.17 -3.68 30.17
C SER A 101 6.05 -3.30 29.19
N LYS A 102 5.03 -4.12 29.03
CA LYS A 102 3.95 -3.75 28.11
C LYS A 102 4.29 -3.74 26.61
N THR A 103 5.54 -3.96 26.21
CA THR A 103 5.88 -3.92 24.79
C THR A 103 5.06 -4.91 23.96
N PRO A 104 4.24 -4.42 23.01
CA PRO A 104 3.39 -5.25 22.15
C PRO A 104 4.11 -5.97 21.00
N SER A 105 3.68 -7.18 20.73
CA SER A 105 4.22 -7.93 19.61
C SER A 105 3.04 -8.56 18.90
N LEU A 106 2.96 -8.35 17.59
CA LEU A 106 1.88 -8.92 16.81
C LEU A 106 2.45 -10.15 16.15
N ILE A 107 1.74 -11.26 16.27
CA ILE A 107 2.19 -12.50 15.69
C ILE A 107 1.42 -12.71 14.40
N PHE A 108 2.14 -12.88 13.28
CA PHE A 108 1.50 -13.08 11.99
C PHE A 108 1.89 -14.42 11.36
N GLU A 109 1.21 -14.77 10.27
CA GLU A 109 1.50 -15.99 9.54
C GLU A 109 2.91 -15.80 8.98
N TYR A 110 3.62 -16.89 8.74
CA TYR A 110 4.96 -16.75 8.21
C TYR A 110 4.91 -16.74 6.70
N VAL A 111 5.76 -15.91 6.10
CA VAL A 111 5.86 -15.82 4.65
C VAL A 111 7.34 -15.88 4.32
N ASN A 112 7.75 -16.92 3.60
CA ASN A 112 9.15 -17.05 3.23
C ASN A 112 9.36 -16.02 2.13
N ASN A 113 9.45 -14.77 2.55
CA ASN A 113 9.62 -13.65 1.62
C ASN A 113 11.01 -13.51 1.03
N THR A 114 11.04 -12.93 -0.17
CA THR A 114 12.28 -12.64 -0.87
C THR A 114 12.20 -11.15 -1.11
N ASP A 115 13.04 -10.38 -0.40
CA ASP A 115 13.06 -8.93 -0.52
C ASP A 115 12.89 -8.55 -1.98
N PHE A 116 12.14 -7.51 -2.25
CA PHE A 116 11.88 -7.08 -3.62
C PHE A 116 13.11 -6.62 -4.38
N LYS A 117 14.04 -5.99 -3.67
CA LYS A 117 15.26 -5.48 -4.28
C LYS A 117 16.04 -6.58 -4.97
N VAL A 118 15.74 -7.82 -4.60
CA VAL A 118 16.43 -8.93 -5.21
C VAL A 118 15.45 -9.81 -5.99
N LEU A 119 14.16 -9.74 -5.64
CA LEU A 119 13.11 -10.54 -6.29
C LEU A 119 12.61 -9.97 -7.61
N TYR A 120 12.29 -8.69 -7.62
CA TYR A 120 11.75 -8.01 -8.78
C TYR A 120 12.56 -8.14 -10.07
N PRO A 121 13.89 -7.98 -10.01
CA PRO A 121 14.68 -8.11 -11.23
C PRO A 121 14.59 -9.49 -11.86
N THR A 122 14.18 -10.48 -11.07
CA THR A 122 14.07 -11.85 -11.57
C THR A 122 12.69 -12.08 -12.18
N LEU A 123 11.73 -11.25 -11.77
CA LEU A 123 10.36 -11.39 -12.24
C LEU A 123 10.16 -11.29 -13.74
N THR A 124 9.40 -12.23 -14.28
CA THR A 124 9.08 -12.23 -15.70
C THR A 124 7.91 -11.28 -15.92
N ASP A 125 7.57 -11.04 -17.18
CA ASP A 125 6.46 -10.17 -17.53
C ASP A 125 5.22 -10.71 -16.82
N TYR A 126 4.95 -11.98 -17.04
CA TYR A 126 3.80 -12.63 -16.44
C TYR A 126 3.88 -12.60 -14.92
N ASP A 127 5.08 -12.81 -14.39
CA ASP A 127 5.24 -12.81 -12.93
C ASP A 127 4.72 -11.49 -12.38
N ILE A 128 5.21 -10.38 -12.95
CA ILE A 128 4.79 -9.07 -12.49
C ILE A 128 3.28 -8.96 -12.55
N ARG A 129 2.72 -9.30 -13.72
CA ARG A 129 1.29 -9.23 -13.93
C ARG A 129 0.58 -10.01 -12.85
N TYR A 130 1.08 -11.21 -12.62
CA TYR A 130 0.49 -12.10 -11.63
C TYR A 130 0.51 -11.50 -10.23
N TYR A 131 1.69 -11.12 -9.78
CA TYR A 131 1.82 -10.56 -8.44
C TYR A 131 1.05 -9.28 -8.26
N ILE A 132 1.08 -8.41 -9.26
CA ILE A 132 0.35 -7.14 -9.12
C ILE A 132 -1.11 -7.50 -8.99
N TYR A 133 -1.51 -8.50 -9.75
CA TYR A 133 -2.87 -8.99 -9.71
C TYR A 133 -3.21 -9.40 -8.30
N GLU A 134 -2.36 -10.25 -7.72
CA GLU A 134 -2.58 -10.73 -6.37
C GLU A 134 -2.70 -9.59 -5.38
N LEU A 135 -1.85 -8.58 -5.55
CA LEU A 135 -1.88 -7.43 -4.68
C LEU A 135 -3.23 -6.70 -4.84
N LEU A 136 -3.76 -6.71 -6.07
CA LEU A 136 -5.06 -6.07 -6.34
C LEU A 136 -6.22 -6.76 -5.61
N LYS A 137 -6.09 -8.05 -5.31
CA LYS A 137 -7.14 -8.74 -4.57
C LYS A 137 -7.12 -8.28 -3.12
N ALA A 138 -5.92 -8.06 -2.61
CA ALA A 138 -5.75 -7.60 -1.24
C ALA A 138 -6.43 -6.24 -1.19
N LEU A 139 -6.00 -5.37 -2.10
CA LEU A 139 -6.52 -4.02 -2.17
C LEU A 139 -8.00 -3.95 -2.38
N ASP A 140 -8.52 -4.64 -3.39
CA ASP A 140 -9.97 -4.56 -3.59
C ASP A 140 -10.70 -5.11 -2.39
N TYR A 141 -10.11 -6.07 -1.71
CA TYR A 141 -10.76 -6.62 -0.54
C TYR A 141 -10.81 -5.65 0.65
N CYS A 142 -9.67 -5.07 1.02
CA CYS A 142 -9.68 -4.16 2.17
C CYS A 142 -10.52 -2.94 1.83
N HIS A 143 -10.45 -2.47 0.59
CA HIS A 143 -11.26 -1.33 0.16
C HIS A 143 -12.74 -1.71 0.31
N SER A 144 -13.08 -2.95 -0.04
CA SER A 144 -14.48 -3.42 0.08
C SER A 144 -14.89 -3.62 1.54
N GLN A 145 -13.94 -3.48 2.46
CA GLN A 145 -14.29 -3.63 3.87
C GLN A 145 -14.25 -2.24 4.53
N GLY A 146 -13.98 -1.22 3.71
CA GLY A 146 -13.94 0.15 4.21
C GLY A 146 -12.58 0.57 4.74
N ILE A 147 -11.53 -0.06 4.24
CA ILE A 147 -10.19 0.25 4.73
C ILE A 147 -9.16 0.68 3.70
N MET A 148 -8.50 1.80 3.97
CA MET A 148 -7.46 2.35 3.13
C MET A 148 -6.15 1.89 3.76
N HIS A 149 -5.30 1.24 2.97
CA HIS A 149 -4.04 0.76 3.48
C HIS A 149 -3.13 1.94 3.80
N ARG A 150 -3.11 2.90 2.88
CA ARG A 150 -2.32 4.11 3.00
C ARG A 150 -0.83 3.91 3.08
N ASP A 151 -0.37 2.70 2.77
CA ASP A 151 1.05 2.47 2.80
C ASP A 151 1.48 1.36 1.85
N VAL A 152 0.95 1.39 0.64
CA VAL A 152 1.30 0.39 -0.35
C VAL A 152 2.71 0.66 -0.85
N LYS A 153 3.48 -0.40 -1.03
CA LYS A 153 4.84 -0.31 -1.53
C LYS A 153 5.43 -1.71 -1.45
N PRO A 154 6.50 -1.98 -2.20
CA PRO A 154 7.14 -3.29 -2.21
C PRO A 154 7.44 -3.84 -0.83
N HIS A 155 7.98 -2.96 0.02
CA HIS A 155 8.33 -3.31 1.39
C HIS A 155 7.14 -3.90 2.13
N ASN A 156 5.93 -3.46 1.76
CA ASN A 156 4.71 -3.95 2.40
C ASN A 156 3.99 -5.06 1.66
N VAL A 157 4.67 -5.63 0.68
CA VAL A 157 4.10 -6.71 -0.10
C VAL A 157 5.08 -7.86 0.04
N MET A 158 4.77 -8.77 0.95
CA MET A 158 5.61 -9.93 1.15
C MET A 158 5.33 -10.91 0.05
N ILE A 159 6.38 -11.52 -0.49
CA ILE A 159 6.20 -12.46 -1.57
C ILE A 159 7.05 -13.71 -1.48
N ASP A 160 6.39 -14.86 -1.57
CA ASP A 160 7.12 -16.11 -1.59
C ASP A 160 7.07 -16.53 -3.05
N HIS A 161 8.12 -16.22 -3.80
CA HIS A 161 8.14 -16.57 -5.20
C HIS A 161 7.88 -18.04 -5.49
N GLU A 162 8.52 -18.93 -4.75
CA GLU A 162 8.32 -20.35 -5.00
C GLU A 162 6.85 -20.76 -4.88
N LEU A 163 6.20 -20.35 -3.80
CA LEU A 163 4.79 -20.70 -3.62
C LEU A 163 3.87 -19.74 -4.37
N ARG A 164 4.42 -18.63 -4.84
CA ARG A 164 3.65 -17.61 -5.56
C ARG A 164 2.57 -17.06 -4.66
N LYS A 165 2.84 -17.09 -3.36
CA LYS A 165 1.91 -16.57 -2.34
C LYS A 165 2.32 -15.14 -2.00
N LEU A 166 1.36 -14.22 -2.00
CA LEU A 166 1.63 -12.83 -1.70
C LEU A 166 0.70 -12.37 -0.58
N ARG A 167 1.20 -11.45 0.24
CA ARG A 167 0.41 -10.91 1.31
C ARG A 167 0.72 -9.43 1.42
N LEU A 168 -0.31 -8.62 1.60
CA LEU A 168 -0.13 -7.19 1.76
C LEU A 168 0.08 -7.07 3.25
N ILE A 169 1.19 -6.47 3.66
CA ILE A 169 1.48 -6.34 5.08
C ILE A 169 1.53 -4.92 5.58
N ASP A 170 1.80 -4.82 6.88
CA ASP A 170 1.93 -3.57 7.61
C ASP A 170 0.73 -2.64 7.52
N TRP A 171 -0.30 -2.95 8.28
CA TRP A 171 -1.49 -2.12 8.29
C TRP A 171 -1.44 -1.09 9.40
N GLY A 172 -0.22 -0.61 9.68
CA GLY A 172 -0.02 0.40 10.72
C GLY A 172 -0.42 1.79 10.28
N LEU A 173 -0.40 2.04 8.99
CA LEU A 173 -0.79 3.34 8.45
C LEU A 173 -2.18 3.27 7.86
N ALA A 174 -2.82 2.11 8.01
CA ALA A 174 -4.16 1.88 7.47
C ALA A 174 -5.23 2.60 8.28
N GLU A 175 -6.31 2.99 7.62
CA GLU A 175 -7.44 3.69 8.25
C GLU A 175 -8.78 3.32 7.64
N PHE A 176 -9.84 3.45 8.45
CA PHE A 176 -11.20 3.19 7.99
C PHE A 176 -11.61 4.37 7.12
N TYR A 177 -12.36 4.08 6.05
CA TYR A 177 -12.80 5.16 5.19
C TYR A 177 -14.15 5.72 5.62
N HIS A 178 -14.20 7.03 5.76
CA HIS A 178 -15.43 7.69 6.14
C HIS A 178 -15.77 8.76 5.12
N PRO A 179 -16.93 8.63 4.46
CA PRO A 179 -17.31 9.62 3.45
C PRO A 179 -17.07 11.04 3.97
N GLY A 180 -16.36 11.83 3.19
CA GLY A 180 -16.10 13.21 3.59
C GLY A 180 -15.40 13.41 4.92
N LYS A 181 -14.25 12.78 5.09
CA LYS A 181 -13.47 12.93 6.31
C LYS A 181 -12.08 13.32 5.89
N GLU A 182 -11.46 14.28 6.59
CA GLU A 182 -10.12 14.67 6.22
C GLU A 182 -9.09 13.85 6.99
N TYR A 183 -8.12 13.31 6.26
CA TYR A 183 -7.09 12.48 6.87
C TYR A 183 -5.71 13.13 6.81
N ASN A 184 -4.83 12.68 7.69
CA ASN A 184 -3.47 13.17 7.74
C ASN A 184 -2.85 12.82 6.39
N VAL A 185 -2.07 13.73 5.81
CA VAL A 185 -1.44 13.44 4.53
C VAL A 185 0.01 13.01 4.72
N ARG A 186 0.35 12.64 5.95
CA ARG A 186 1.70 12.17 6.26
C ARG A 186 1.55 10.68 6.49
N VAL A 187 1.16 9.98 5.43
CA VAL A 187 0.96 8.55 5.45
C VAL A 187 1.64 7.96 4.21
N ALA A 188 1.84 6.65 4.21
CA ALA A 188 2.52 5.99 3.10
C ALA A 188 3.95 6.50 3.03
N SER A 189 4.82 5.75 2.36
CA SER A 189 6.20 6.21 2.22
C SER A 189 6.19 7.32 1.20
N ARG A 190 7.17 8.21 1.30
CA ARG A 190 7.26 9.35 0.38
C ARG A 190 7.17 9.02 -1.10
N TYR A 191 7.98 8.07 -1.56
CA TYR A 191 8.02 7.70 -2.97
C TYR A 191 6.72 7.12 -3.50
N PHE A 192 5.77 6.87 -2.61
CA PHE A 192 4.50 6.29 -3.01
C PHE A 192 3.35 7.20 -2.63
N LYS A 193 3.68 8.37 -2.12
CA LYS A 193 2.67 9.35 -1.72
C LYS A 193 1.92 9.90 -2.94
N GLY A 194 0.61 9.74 -2.92
CA GLY A 194 -0.21 10.22 -4.01
C GLY A 194 -0.18 11.73 -4.09
N PRO A 195 -0.48 12.31 -5.27
CA PRO A 195 -0.48 13.77 -5.42
C PRO A 195 -1.34 14.42 -4.34
N GLU A 196 -2.49 13.83 -4.06
CA GLU A 196 -3.38 14.38 -3.05
C GLU A 196 -2.68 14.55 -1.70
N LEU A 197 -1.70 13.68 -1.43
CA LEU A 197 -0.99 13.76 -0.17
C LEU A 197 0.06 14.87 -0.25
N LEU A 198 0.52 15.16 -1.47
CA LEU A 198 1.52 16.17 -1.68
C LEU A 198 0.93 17.58 -1.80
N VAL A 199 -0.39 17.67 -1.96
CA VAL A 199 -1.05 18.96 -2.09
C VAL A 199 -2.09 19.15 -1.00
N ASP A 200 -1.92 18.41 0.09
CA ASP A 200 -2.81 18.49 1.24
C ASP A 200 -4.31 18.39 0.92
N LEU A 201 -4.67 17.46 0.04
CA LEU A 201 -6.06 17.23 -0.29
C LEU A 201 -6.35 16.16 0.74
N GLN A 202 -6.92 16.57 1.86
CA GLN A 202 -7.17 15.65 2.96
C GLN A 202 -8.39 14.75 2.89
N ASP A 203 -9.34 15.02 2.00
CA ASP A 203 -10.51 14.16 1.92
C ASP A 203 -10.35 13.00 0.91
N TYR A 204 -9.18 12.32 0.94
CA TYR A 204 -8.92 11.23 0.02
C TYR A 204 -9.62 9.92 0.37
N ASP A 205 -9.33 8.86 -0.37
CA ASP A 205 -9.98 7.58 -0.15
C ASP A 205 -9.16 6.40 -0.70
N TYR A 206 -9.83 5.28 -0.93
CA TYR A 206 -9.17 4.09 -1.43
C TYR A 206 -8.23 4.39 -2.58
N SER A 207 -8.63 5.31 -3.44
CA SER A 207 -7.83 5.68 -4.60
C SER A 207 -6.37 6.03 -4.28
N LEU A 208 -6.12 6.49 -3.05
CA LEU A 208 -4.77 6.83 -2.64
C LEU A 208 -3.88 5.64 -2.93
N ASP A 209 -4.38 4.47 -2.56
CA ASP A 209 -3.64 3.23 -2.74
C ASP A 209 -3.29 2.87 -4.18
N MET A 210 -4.22 3.15 -5.09
CA MET A 210 -4.01 2.83 -6.49
C MET A 210 -2.83 3.63 -7.04
N TRP A 211 -2.68 4.86 -6.59
CA TRP A 211 -1.54 5.65 -7.02
C TRP A 211 -0.28 4.95 -6.51
N SER A 212 -0.30 4.59 -5.24
CA SER A 212 0.83 3.88 -4.64
C SER A 212 1.16 2.68 -5.53
N LEU A 213 0.13 1.86 -5.78
CA LEU A 213 0.29 0.69 -6.63
C LEU A 213 0.88 1.13 -7.96
N GLY A 214 0.29 2.16 -8.56
CA GLY A 214 0.80 2.65 -9.82
C GLY A 214 2.29 2.93 -9.78
N CYS A 215 2.74 3.52 -8.66
CA CYS A 215 4.16 3.84 -8.47
C CYS A 215 4.96 2.56 -8.45
N MET A 216 4.47 1.62 -7.66
CA MET A 216 5.10 0.32 -7.52
C MET A 216 5.17 -0.39 -8.87
N PHE A 217 4.10 -0.25 -9.64
CA PHE A 217 4.02 -0.88 -10.96
C PHE A 217 4.99 -0.23 -11.92
N ALA A 218 5.04 1.10 -11.92
CA ALA A 218 5.97 1.80 -12.81
C ALA A 218 7.39 1.37 -12.47
N GLY A 219 7.66 1.17 -11.18
CA GLY A 219 8.97 0.74 -10.77
C GLY A 219 9.30 -0.65 -11.30
N MET A 220 8.35 -1.56 -11.19
CA MET A 220 8.57 -2.93 -11.64
C MET A 220 8.72 -3.09 -13.14
N ILE A 221 7.87 -2.44 -13.94
CA ILE A 221 8.00 -2.60 -15.39
C ILE A 221 9.14 -1.79 -15.96
N PHE A 222 9.31 -0.57 -15.48
CA PHE A 222 10.37 0.29 -15.98
C PHE A 222 11.71 0.04 -15.29
N ARG A 223 11.73 -0.85 -14.29
CA ARG A 223 12.94 -1.17 -13.54
C ARG A 223 13.58 0.13 -13.09
N LYS A 224 12.84 0.90 -12.30
CA LYS A 224 13.31 2.18 -11.80
C LYS A 224 12.72 2.38 -10.41
N GLU A 225 13.39 1.81 -9.41
CA GLU A 225 12.90 1.88 -8.03
C GLU A 225 13.73 2.85 -7.18
N PRO A 226 13.09 3.90 -6.63
CA PRO A 226 11.66 4.22 -6.77
C PRO A 226 11.43 4.82 -8.13
N PHE A 227 10.18 4.87 -8.59
CA PHE A 227 9.91 5.45 -9.90
C PHE A 227 9.96 6.97 -9.77
N PHE A 228 9.39 7.46 -8.67
CA PHE A 228 9.37 8.89 -8.38
C PHE A 228 10.26 9.09 -7.16
N TYR A 229 11.57 9.23 -7.38
CA TYR A 229 12.52 9.43 -6.29
C TYR A 229 12.65 10.89 -5.85
N GLY A 230 11.79 11.31 -4.93
CA GLY A 230 11.84 12.67 -4.43
C GLY A 230 12.47 12.71 -3.04
N HIS A 231 13.50 13.52 -2.89
CA HIS A 231 14.19 13.62 -1.61
C HIS A 231 13.25 14.06 -0.48
N ASP A 232 12.31 14.95 -0.78
CA ASP A 232 11.35 15.38 0.24
C ASP A 232 9.97 15.60 -0.37
N ASN A 233 8.94 15.53 0.47
CA ASN A 233 7.56 15.71 0.01
C ASN A 233 7.38 16.73 -1.11
N HIS A 234 8.02 17.89 -1.00
CA HIS A 234 7.91 18.90 -2.04
C HIS A 234 8.53 18.38 -3.33
N ASP A 235 9.75 17.87 -3.22
CA ASP A 235 10.49 17.34 -4.37
C ASP A 235 9.76 16.12 -4.94
N GLN A 236 8.91 15.51 -4.12
CA GLN A 236 8.16 14.34 -4.55
C GLN A 236 7.11 14.77 -5.56
N LEU A 237 6.54 15.94 -5.33
CA LEU A 237 5.53 16.47 -6.25
C LEU A 237 6.20 16.97 -7.51
N VAL A 238 7.50 17.21 -7.42
CA VAL A 238 8.27 17.70 -8.57
C VAL A 238 8.67 16.56 -9.49
N LYS A 239 9.02 15.43 -8.91
CA LYS A 239 9.39 14.27 -9.72
C LYS A 239 8.14 13.84 -10.49
N ILE A 240 6.97 14.02 -9.90
CA ILE A 240 5.71 13.65 -10.54
C ILE A 240 5.38 14.60 -11.69
N ALA A 241 5.25 15.89 -11.39
CA ALA A 241 4.94 16.89 -12.40
C ALA A 241 5.87 16.76 -13.60
N LYS A 242 7.13 16.40 -13.35
CA LYS A 242 8.11 16.23 -14.41
C LYS A 242 7.78 15.01 -15.27
N VAL A 243 6.83 14.21 -14.84
CA VAL A 243 6.43 13.02 -15.58
C VAL A 243 5.01 13.16 -16.12
N LEU A 244 4.07 13.48 -15.25
CA LEU A 244 2.68 13.63 -15.65
C LEU A 244 2.38 14.97 -16.31
N GLY A 245 3.31 15.91 -16.18
CA GLY A 245 3.09 17.22 -16.76
C GLY A 245 2.32 18.05 -15.75
N THR A 246 2.55 19.36 -15.76
CA THR A 246 1.91 20.29 -14.83
C THR A 246 0.52 20.77 -15.20
N ASP A 247 0.19 20.77 -16.49
CA ASP A 247 -1.14 21.21 -16.89
C ASP A 247 -2.16 20.24 -16.30
N GLY A 248 -1.78 18.96 -16.26
CA GLY A 248 -2.66 17.96 -15.68
C GLY A 248 -2.81 18.34 -14.24
N LEU A 249 -1.70 18.63 -13.59
CA LEU A 249 -1.70 19.03 -12.19
C LEU A 249 -2.64 20.20 -11.99
N ASN A 250 -2.49 21.21 -12.84
CA ASN A 250 -3.33 22.40 -12.79
C ASN A 250 -4.81 22.06 -12.74
N VAL A 251 -5.26 21.23 -13.70
CA VAL A 251 -6.66 20.80 -13.76
C VAL A 251 -7.07 20.15 -12.43
N TYR A 252 -6.19 19.30 -11.91
CA TYR A 252 -6.43 18.63 -10.64
C TYR A 252 -6.65 19.68 -9.55
N LEU A 253 -5.67 20.56 -9.40
CA LEU A 253 -5.74 21.64 -8.41
C LEU A 253 -7.00 22.48 -8.51
N ASN A 254 -7.42 22.79 -9.74
CA ASN A 254 -8.61 23.60 -9.92
C ASN A 254 -9.89 22.87 -9.59
N LYS A 255 -9.99 21.62 -10.05
CA LYS A 255 -11.18 20.81 -9.80
C LYS A 255 -11.50 20.71 -8.32
N TYR A 256 -10.46 20.57 -7.50
CA TYR A 256 -10.63 20.45 -6.05
C TYR A 256 -10.34 21.75 -5.29
N ARG A 257 -10.35 22.86 -6.01
CA ARG A 257 -10.12 24.16 -5.42
C ARG A 257 -8.98 24.18 -4.40
N ILE A 258 -7.88 23.53 -4.76
CA ILE A 258 -6.73 23.48 -3.87
C ILE A 258 -5.58 24.29 -4.40
N GLU A 259 -5.07 25.14 -3.53
CA GLU A 259 -3.96 25.99 -3.87
C GLU A 259 -2.67 25.25 -3.58
N LEU A 260 -1.56 25.81 -4.02
CA LEU A 260 -0.27 25.23 -3.76
C LEU A 260 0.53 26.31 -3.06
N ASP A 261 1.43 25.92 -2.16
CA ASP A 261 2.23 26.89 -1.43
C ASP A 261 3.25 27.50 -2.37
N PRO A 262 3.21 28.83 -2.52
CA PRO A 262 4.08 29.64 -3.37
C PRO A 262 5.47 29.05 -3.60
N GLN A 263 6.08 28.59 -2.50
CA GLN A 263 7.41 28.00 -2.55
C GLN A 263 7.46 26.79 -3.47
N LEU A 264 6.69 25.76 -3.13
CA LEU A 264 6.65 24.53 -3.94
C LEU A 264 6.13 24.87 -5.33
N GLU A 265 5.13 25.76 -5.37
CA GLU A 265 4.52 26.18 -6.61
C GLU A 265 5.54 26.54 -7.68
N ALA A 266 6.51 27.36 -7.31
CA ALA A 266 7.55 27.78 -8.24
C ALA A 266 8.60 26.68 -8.42
N LEU A 267 8.59 25.72 -7.50
CA LEU A 267 9.53 24.61 -7.54
C LEU A 267 9.04 23.55 -8.54
N VAL A 268 7.72 23.41 -8.65
CA VAL A 268 7.14 22.44 -9.57
C VAL A 268 7.08 23.08 -10.96
N GLY A 269 7.33 24.38 -11.00
CA GLY A 269 7.35 25.11 -12.25
C GLY A 269 6.34 24.67 -13.29
N ARG A 270 6.80 24.45 -14.51
CA ARG A 270 5.93 24.02 -15.60
C ARG A 270 6.63 22.95 -16.44
N HIS A 271 6.01 21.78 -16.51
CA HIS A 271 6.58 20.66 -17.28
C HIS A 271 5.54 19.99 -18.16
N SER A 272 5.97 19.53 -19.33
CA SER A 272 5.07 18.87 -20.27
C SER A 272 4.98 17.40 -19.88
N ARG A 273 3.85 16.78 -20.20
CA ARG A 273 3.66 15.38 -19.87
C ARG A 273 4.71 14.54 -20.58
N LYS A 274 5.26 13.57 -19.86
CA LYS A 274 6.28 12.70 -20.42
C LYS A 274 5.69 11.35 -20.80
N PRO A 275 5.69 11.03 -22.10
CA PRO A 275 5.14 9.75 -22.56
C PRO A 275 5.73 8.62 -21.74
N TRP A 276 4.90 7.67 -21.33
CA TRP A 276 5.38 6.56 -20.53
C TRP A 276 6.44 5.78 -21.27
N LEU A 277 6.31 5.69 -22.58
CA LEU A 277 7.28 4.94 -23.38
C LEU A 277 8.68 5.56 -23.35
N LYS A 278 8.77 6.80 -22.88
CA LYS A 278 10.05 7.48 -22.79
C LYS A 278 10.86 6.97 -21.59
N PHE A 279 10.25 6.07 -20.82
CA PHE A 279 10.92 5.46 -19.66
C PHE A 279 11.42 4.09 -20.05
N MET A 280 11.15 3.72 -21.31
CA MET A 280 11.57 2.42 -21.80
C MET A 280 13.02 2.40 -22.22
N ASN A 281 13.67 1.27 -21.99
CA ASN A 281 15.07 1.04 -22.34
C ASN A 281 15.32 -0.47 -22.41
N ALA A 282 16.37 -0.85 -23.12
CA ALA A 282 16.73 -2.25 -23.30
C ALA A 282 16.51 -3.14 -22.06
N ASP A 283 16.72 -2.57 -20.87
CA ASP A 283 16.57 -3.32 -19.64
C ASP A 283 15.12 -3.69 -19.27
N ASN A 284 14.18 -2.84 -19.64
CA ASN A 284 12.78 -3.06 -19.29
C ASN A 284 11.84 -3.21 -20.48
N GLN A 285 12.40 -3.11 -21.67
CA GLN A 285 11.61 -3.22 -22.90
C GLN A 285 10.65 -4.41 -22.93
N HIS A 286 11.12 -5.55 -22.45
CA HIS A 286 10.32 -6.77 -22.42
C HIS A 286 9.23 -6.80 -21.36
N LEU A 287 9.21 -5.82 -20.48
CA LEU A 287 8.21 -5.76 -19.41
C LEU A 287 7.20 -4.70 -19.74
N VAL A 288 7.58 -3.79 -20.61
CA VAL A 288 6.72 -2.71 -21.05
C VAL A 288 5.94 -3.26 -22.22
N SER A 289 4.68 -2.83 -22.35
CA SER A 289 3.82 -3.28 -23.42
C SER A 289 2.67 -2.30 -23.50
N PRO A 290 1.93 -2.31 -24.60
CA PRO A 290 0.80 -1.38 -24.73
C PRO A 290 -0.16 -1.49 -23.55
N GLU A 291 -0.45 -2.72 -23.12
CA GLU A 291 -1.37 -2.93 -22.00
C GLU A 291 -0.77 -2.50 -20.68
N ALA A 292 0.52 -2.78 -20.48
CA ALA A 292 1.19 -2.38 -19.24
C ALA A 292 1.10 -0.88 -19.15
N ILE A 293 1.41 -0.22 -20.26
CA ILE A 293 1.37 1.24 -20.30
C ILE A 293 -0.06 1.73 -20.06
N ASP A 294 -1.02 1.09 -20.72
CA ASP A 294 -2.40 1.50 -20.57
C ASP A 294 -2.87 1.29 -19.14
N PHE A 295 -2.51 0.18 -18.55
CA PHE A 295 -2.90 -0.06 -17.18
C PHE A 295 -2.25 1.02 -16.27
N LEU A 296 -0.94 1.19 -16.39
CA LEU A 296 -0.21 2.17 -15.59
C LEU A 296 -0.78 3.56 -15.75
N ASP A 297 -1.08 3.94 -16.99
CA ASP A 297 -1.61 5.27 -17.24
C ASP A 297 -2.91 5.53 -16.49
N LYS A 298 -3.70 4.47 -16.33
CA LYS A 298 -4.97 4.57 -15.62
C LYS A 298 -4.77 4.49 -14.10
N LEU A 299 -3.54 4.27 -13.66
CA LEU A 299 -3.25 4.23 -12.23
C LEU A 299 -2.71 5.62 -11.84
N LEU A 300 -1.64 6.03 -12.50
CA LEU A 300 -1.03 7.31 -12.20
C LEU A 300 -1.78 8.50 -12.77
N ARG A 301 -2.86 8.86 -12.10
CA ARG A 301 -3.69 10.01 -12.48
C ARG A 301 -3.69 10.96 -11.29
N TYR A 302 -3.41 12.24 -11.55
CA TYR A 302 -3.42 13.23 -10.47
C TYR A 302 -4.75 13.12 -9.74
N ASP A 303 -5.82 13.11 -10.53
CA ASP A 303 -7.17 13.03 -9.99
C ASP A 303 -7.43 11.64 -9.41
N HIS A 304 -7.53 11.57 -8.09
CA HIS A 304 -7.78 10.29 -7.46
C HIS A 304 -9.10 9.71 -7.95
N GLN A 305 -9.99 10.59 -8.41
CA GLN A 305 -11.27 10.13 -8.91
C GLN A 305 -11.15 9.46 -10.26
N GLU A 306 -10.14 9.82 -11.05
CA GLU A 306 -9.96 9.21 -12.37
C GLU A 306 -9.28 7.84 -12.30
N ARG A 307 -8.51 7.61 -11.24
CA ARG A 307 -7.80 6.34 -11.11
C ARG A 307 -8.70 5.13 -11.10
N LEU A 308 -8.21 4.06 -11.72
CA LEU A 308 -8.92 2.80 -11.72
C LEU A 308 -9.12 2.35 -10.27
N THR A 309 -10.29 1.78 -10.00
CA THR A 309 -10.56 1.28 -8.68
C THR A 309 -9.87 -0.09 -8.74
N ALA A 310 -9.60 -0.67 -7.58
CA ALA A 310 -8.96 -1.96 -7.53
C ALA A 310 -9.72 -2.99 -8.37
N LEU A 311 -11.04 -3.04 -8.23
CA LEU A 311 -11.88 -4.00 -8.96
C LEU A 311 -11.76 -3.80 -10.48
N GLU A 312 -11.66 -2.55 -10.92
CA GLU A 312 -11.51 -2.24 -12.35
C GLU A 312 -10.14 -2.61 -12.87
N ALA A 313 -9.13 -2.47 -12.03
CA ALA A 313 -7.78 -2.79 -12.46
C ALA A 313 -7.66 -4.27 -12.73
N MET A 314 -8.30 -5.08 -11.91
CA MET A 314 -8.22 -6.50 -12.08
C MET A 314 -8.82 -6.99 -13.40
N THR A 315 -9.73 -6.20 -13.98
CA THR A 315 -10.36 -6.59 -15.25
C THR A 315 -9.71 -5.93 -16.47
N HIS A 316 -8.64 -5.18 -16.24
CA HIS A 316 -7.95 -4.55 -17.36
C HIS A 316 -7.30 -5.67 -18.20
N PRO A 317 -7.43 -5.60 -19.53
CA PRO A 317 -6.85 -6.66 -20.36
C PRO A 317 -5.41 -7.08 -19.99
N TYR A 318 -4.66 -6.16 -19.39
CA TYR A 318 -3.27 -6.46 -19.01
C TYR A 318 -3.22 -7.76 -18.20
N PHE A 319 -4.21 -7.93 -17.34
CA PHE A 319 -4.32 -9.11 -16.47
C PHE A 319 -5.04 -10.30 -17.12
N GLN A 320 -5.48 -10.17 -18.36
CA GLN A 320 -6.22 -11.24 -19.03
C GLN A 320 -5.60 -12.63 -18.91
N GLN A 321 -4.31 -12.76 -19.20
CA GLN A 321 -3.68 -14.06 -19.11
C GLN A 321 -3.75 -14.59 -17.70
N VAL A 322 -3.51 -13.75 -16.69
CA VAL A 322 -3.55 -14.21 -15.29
C VAL A 322 -4.95 -14.64 -14.88
N ARG A 323 -5.96 -13.92 -15.33
CA ARG A 323 -7.33 -14.29 -15.02
C ARG A 323 -7.66 -15.62 -15.71
N ALA A 324 -7.11 -15.82 -16.91
CA ALA A 324 -7.35 -17.04 -17.66
C ALA A 324 -6.79 -18.24 -16.93
N ALA A 325 -5.66 -18.06 -16.25
CA ALA A 325 -5.07 -19.17 -15.51
C ALA A 325 -6.00 -19.48 -14.34
N GLU A 326 -6.84 -18.51 -13.98
CA GLU A 326 -7.79 -18.67 -12.89
C GLU A 326 -9.11 -19.21 -13.42
C1 K37 B . 5.74 -10.63 7.43
C2 K37 B . 5.40 -9.44 8.07
C3 K37 B . 6.29 -8.36 8.14
C4 K37 B . 7.00 -10.77 6.83
N5 K37 B . 9.10 -9.61 6.45
C6 K37 B . 7.86 -9.68 6.90
C7 K37 B . 7.53 -8.53 7.54
N8 K37 B . 8.58 -7.72 7.50
C9 K37 B . 9.51 -8.39 6.82
S K37 B . 11.09 -7.77 6.35
C11 K37 B . 10.96 -5.99 6.00
BR10 K37 B . 7.52 -12.40 6.02
BR11 K37 B . 4.50 -12.06 7.27
BR12 K37 B . 3.70 -9.27 8.90
BR13 K37 B . 5.82 -6.75 9.02
C1 K37 C . 6.81 -10.60 7.08
C2 K37 C . 5.51 -10.57 7.60
C3 K37 C . 5.05 -9.42 8.25
C4 K37 C . 7.66 -9.50 7.18
N5 K37 C . 7.75 -7.20 8.08
C6 K37 C . 7.18 -8.36 7.81
C7 K37 C . 5.90 -8.33 8.32
N8 K37 C . 5.69 -7.17 8.90
C9 K37 C . 6.83 -6.48 8.72
S K37 C . 7.01 -4.81 9.26
C11 K37 C . 8.48 -4.08 8.50
BR10 K37 C . 9.42 -9.58 6.48
BR11 K37 C . 7.42 -12.18 6.23
BR12 K37 C . 4.38 -12.09 7.39
BR13 K37 C . 3.31 -9.31 9.01
#